data_2RHO
#
_entry.id   2RHO
#
_cell.length_a   82.295
_cell.length_b   97.164
_cell.length_c   134.719
_cell.angle_alpha   90.000
_cell.angle_beta   90.000
_cell.angle_gamma   90.000
#
_symmetry.space_group_name_H-M   'P 21 21 21'
#
loop_
_entity.id
_entity.type
_entity.pdbx_description
1 polymer 'Cell Division Protein ftsZ'
2 non-polymer "5'-GUANOSINE-DIPHOSPHATE-MONOTHIOPHOSPHATE"
3 non-polymer "GUANOSINE-5'-DIPHOSPHATE"
4 water water
#
_entity_poly.entity_id   1
_entity_poly.type   'polypeptide(L)'
_entity_poly.pdbx_seq_one_letter_code
;MASIKVIGVGGGGNNAVNRMIENEVQGVEYIAVNTDAQALNLSKAEVKMQIGAKLTRGLGAGANPEVGKKAAEESKEQIE
EALKGADMVFVTAGMGGGTGTGAAPVIAQIAKDLGALTVGVVTRPFTFEGRKRQLQAAGGISAMKEAVDTLIVIPNDRIL
EIVDKNTPMLEAFREADNVLRQGVQGISDLIATPGLINLDFADVKTIMSNKGSALMGIGIATGENRAAEAAKKAISSPLL
EAAIDGAQGVLMNITGGTNLSLYEVQEAADIVASASDQDVNMIFGSVINENLKDEIVVTVIATGFLENLYFQGHHHHHHE
YMPME
;
_entity_poly.pdbx_strand_id   A,B
#
# COMPACT_ATOMS: atom_id res chain seq x y z
N ALA A 2 5.47 -26.53 -21.97
CA ALA A 2 6.65 -26.12 -22.83
C ALA A 2 7.22 -24.81 -22.28
N SER A 3 6.33 -23.84 -22.01
CA SER A 3 6.70 -22.62 -21.24
C SER A 3 6.39 -22.82 -19.76
N ILE A 4 7.41 -23.24 -19.01
CA ILE A 4 7.29 -23.46 -17.57
C ILE A 4 8.06 -22.37 -16.81
N LYS A 5 7.35 -21.63 -15.98
CA LYS A 5 7.98 -20.58 -15.19
C LYS A 5 7.97 -20.89 -13.70
N VAL A 6 9.10 -20.63 -13.05
CA VAL A 6 9.27 -20.77 -11.61
C VAL A 6 9.56 -19.37 -11.07
N ILE A 7 8.70 -18.91 -10.16
CA ILE A 7 8.73 -17.53 -9.74
C ILE A 7 8.89 -17.49 -8.24
N GLY A 8 10.03 -17.02 -7.75
CA GLY A 8 10.30 -17.03 -6.31
C GLY A 8 9.83 -15.72 -5.73
N VAL A 9 9.26 -15.75 -4.53
CA VAL A 9 8.65 -14.53 -4.02
C VAL A 9 9.14 -14.20 -2.62
N GLY A 10 9.80 -13.05 -2.51
CA GLY A 10 10.48 -12.68 -1.26
C GLY A 10 11.79 -13.42 -1.06
N GLY A 11 12.42 -13.16 0.10
CA GLY A 11 13.74 -13.67 0.41
C GLY A 11 13.81 -15.17 0.30
N GLY A 12 12.97 -15.87 1.05
CA GLY A 12 13.04 -17.32 1.10
C GLY A 12 12.87 -17.94 -0.29
N GLY A 13 11.84 -17.49 -1.00
CA GLY A 13 11.52 -18.00 -2.31
C GLY A 13 12.63 -17.77 -3.30
N ASN A 14 13.24 -16.59 -3.23
CA ASN A 14 14.35 -16.26 -4.12
C ASN A 14 15.59 -17.09 -3.79
N ASN A 15 15.79 -17.42 -2.51
CA ASN A 15 16.89 -18.26 -2.15
C ASN A 15 16.63 -19.67 -2.69
N ALA A 16 15.39 -20.14 -2.65
CA ALA A 16 15.07 -21.45 -3.23
C ALA A 16 15.30 -21.48 -4.74
N VAL A 17 14.95 -20.41 -5.40
CA VAL A 17 15.22 -20.30 -6.82
C VAL A 17 16.74 -20.31 -7.10
N ASN A 18 17.54 -19.79 -6.18
CA ASN A 18 18.99 -19.85 -6.30
C ASN A 18 19.47 -21.30 -6.19
N ARG A 19 19.02 -22.06 -5.19
CA ARG A 19 19.43 -23.46 -5.09
C ARG A 19 19.06 -24.21 -6.37
N MET A 20 17.89 -23.95 -6.91
CA MET A 20 17.47 -24.54 -8.19
C MET A 20 18.44 -24.22 -9.33
N ILE A 21 18.82 -22.95 -9.44
CA ILE A 21 19.74 -22.54 -10.50
C ILE A 21 21.10 -23.22 -10.31
N GLU A 22 21.54 -23.38 -9.06
CA GLU A 22 22.83 -23.99 -8.72
C GLU A 22 22.85 -25.49 -8.97
N ASN A 23 21.68 -26.12 -8.92
CA ASN A 23 21.57 -27.52 -9.26
C ASN A 23 21.09 -27.63 -10.69
N GLU A 24 21.27 -26.57 -11.45
CA GLU A 24 21.04 -26.65 -12.88
C GLU A 24 19.76 -27.47 -13.20
N VAL A 25 18.70 -27.22 -12.46
CA VAL A 25 17.40 -27.75 -12.83
C VAL A 25 17.10 -27.12 -14.18
N GLN A 26 16.63 -27.93 -15.14
CA GLN A 26 16.40 -27.50 -16.52
C GLN A 26 14.94 -27.36 -16.89
N GLY A 27 14.70 -26.86 -18.10
CA GLY A 27 13.38 -26.83 -18.69
C GLY A 27 12.49 -25.71 -18.22
N VAL A 28 13.03 -24.83 -17.35
CA VAL A 28 12.22 -23.81 -16.67
C VAL A 28 12.87 -22.43 -16.77
N GLU A 29 12.06 -21.39 -16.98
CA GLU A 29 12.52 -19.98 -16.87
C GLU A 29 12.26 -19.45 -15.47
N TYR A 30 13.31 -18.92 -14.85
CA TYR A 30 13.26 -18.38 -13.49
C TYR A 30 12.98 -16.89 -13.43
N ILE A 31 12.17 -16.48 -12.45
CA ILE A 31 11.84 -15.06 -12.20
C ILE A 31 11.95 -14.82 -10.71
N ALA A 32 12.55 -13.71 -10.34
CA ALA A 32 12.69 -13.38 -8.94
C ALA A 32 11.92 -12.12 -8.71
N VAL A 33 11.17 -12.10 -7.61
CA VAL A 33 10.28 -11.00 -7.26
C VAL A 33 10.59 -10.57 -5.82
N ASN A 34 10.74 -9.27 -5.62
CA ASN A 34 10.86 -8.77 -4.27
C ASN A 34 10.49 -7.30 -4.17
N THR A 35 10.07 -6.89 -2.99
CA THR A 35 9.87 -5.49 -2.69
C THR A 35 11.22 -4.86 -2.29
N ASP A 36 12.09 -5.66 -1.67
CA ASP A 36 13.47 -5.29 -1.27
C ASP A 36 14.49 -5.32 -2.44
N ALA A 37 14.87 -4.15 -2.95
CA ALA A 37 15.80 -4.05 -4.09
C ALA A 37 17.19 -4.63 -3.79
N GLN A 38 17.67 -4.45 -2.56
CA GLN A 38 18.99 -4.96 -2.15
C GLN A 38 19.04 -6.46 -2.29
N ALA A 39 18.14 -7.15 -1.61
CA ALA A 39 18.00 -8.60 -1.72
C ALA A 39 17.77 -9.04 -3.17
N LEU A 40 16.99 -8.29 -3.94
CA LEU A 40 16.71 -8.71 -5.29
C LEU A 40 18.01 -8.90 -6.07
N ASN A 41 18.93 -7.93 -6.00
CA ASN A 41 20.23 -8.07 -6.70
C ASN A 41 21.12 -9.25 -6.28
N LEU A 42 20.83 -9.89 -5.16
CA LEU A 42 21.50 -11.15 -4.83
C LEU A 42 20.88 -12.37 -5.50
N SER A 43 19.84 -12.19 -6.31
CA SER A 43 19.23 -13.32 -7.02
C SER A 43 20.06 -13.68 -8.24
N LYS A 44 20.05 -14.98 -8.60
CA LYS A 44 20.75 -15.46 -9.80
C LYS A 44 19.79 -15.64 -10.98
N ALA A 45 18.51 -15.32 -10.77
CA ALA A 45 17.51 -15.45 -11.81
C ALA A 45 17.79 -14.45 -12.88
N GLU A 46 17.51 -14.81 -14.13
CA GLU A 46 17.73 -13.93 -15.26
C GLU A 46 16.80 -12.72 -15.17
N VAL A 47 15.51 -12.97 -14.96
CA VAL A 47 14.52 -11.91 -14.81
C VAL A 47 14.33 -11.56 -13.33
N LYS A 48 14.50 -10.28 -13.03
CA LYS A 48 14.47 -9.77 -11.66
C LYS A 48 13.44 -8.67 -11.65
N MET A 49 12.42 -8.84 -10.82
CA MET A 49 11.25 -7.98 -10.83
C MET A 49 11.12 -7.34 -9.47
N GLN A 50 11.25 -6.02 -9.42
CA GLN A 50 11.01 -5.29 -8.18
C GLN A 50 9.57 -4.82 -8.20
N ILE A 51 8.81 -5.23 -7.20
CA ILE A 51 7.41 -4.88 -7.12
C ILE A 51 7.17 -3.82 -6.06
N GLY A 52 6.11 -3.05 -6.25
CA GLY A 52 5.77 -1.98 -5.29
C GLY A 52 6.87 -0.94 -5.13
N ALA A 53 7.46 -0.51 -6.23
CA ALA A 53 8.45 0.55 -6.23
C ALA A 53 7.94 1.78 -5.46
N LYS A 54 6.74 2.23 -5.82
CA LYS A 54 6.15 3.43 -5.23
C LYS A 54 5.75 3.24 -3.77
N LEU A 55 5.22 2.07 -3.45
CA LEU A 55 4.67 1.81 -2.11
C LEU A 55 5.78 1.61 -1.13
N THR A 56 6.83 0.92 -1.53
CA THR A 56 7.92 0.55 -0.61
C THR A 56 9.26 1.19 -0.91
N ARG A 57 9.43 1.78 -2.10
CA ARG A 57 10.69 2.47 -2.50
C ARG A 57 11.89 1.56 -2.39
N GLY A 58 11.67 0.26 -2.53
CA GLY A 58 12.76 -0.71 -2.57
C GLY A 58 13.16 -1.28 -1.24
N LEU A 59 12.44 -0.98 -0.17
CA LEU A 59 12.96 -1.30 1.18
C LEU A 59 12.31 -2.51 1.84
N GLY A 60 11.65 -3.36 1.04
CA GLY A 60 10.97 -4.51 1.63
C GLY A 60 9.58 -4.11 2.11
N ALA A 61 8.84 -5.08 2.65
CA ALA A 61 7.47 -4.88 3.12
C ALA A 61 7.37 -4.87 4.65
N GLY A 62 8.49 -4.73 5.35
CA GLY A 62 8.56 -4.67 6.82
C GLY A 62 7.69 -5.66 7.57
N ALA A 63 7.68 -6.91 7.09
CA ALA A 63 6.97 -8.03 7.74
C ALA A 63 5.44 -7.88 7.80
N ASN A 64 4.88 -7.09 6.88
CA ASN A 64 3.45 -6.83 6.81
C ASN A 64 2.88 -7.38 5.51
N PRO A 65 2.14 -8.50 5.56
CA PRO A 65 1.52 -9.04 4.34
C PRO A 65 0.64 -8.06 3.56
N GLU A 66 0.05 -7.06 4.22
CA GLU A 66 -0.78 -6.11 3.45
C GLU A 66 0.07 -5.37 2.42
N VAL A 67 1.29 -5.00 2.82
CA VAL A 67 2.22 -4.30 1.95
C VAL A 67 2.69 -5.17 0.78
N GLY A 68 3.01 -6.42 1.08
CA GLY A 68 3.34 -7.39 0.05
C GLY A 68 2.20 -7.54 -0.96
N LYS A 69 0.97 -7.69 -0.46
CA LYS A 69 -0.20 -7.74 -1.34
C LYS A 69 -0.33 -6.47 -2.18
N LYS A 70 -0.33 -5.30 -1.55
CA LYS A 70 -0.48 -4.06 -2.31
C LYS A 70 0.72 -3.77 -3.21
N ALA A 71 1.89 -4.30 -2.86
CA ALA A 71 3.05 -4.13 -3.73
C ALA A 71 2.78 -4.87 -5.03
N ALA A 72 2.36 -6.13 -4.91
CA ALA A 72 2.05 -6.93 -6.08
C ALA A 72 0.88 -6.32 -6.88
N GLU A 73 -0.10 -5.73 -6.20
CA GLU A 73 -1.20 -5.05 -6.94
C GLU A 73 -0.69 -3.84 -7.71
N GLU A 74 0.21 -3.06 -7.12
CA GLU A 74 0.79 -1.90 -7.82
C GLU A 74 1.49 -2.38 -9.07
N SER A 75 2.13 -3.54 -9.01
CA SER A 75 2.88 -4.08 -10.16
C SER A 75 2.10 -5.13 -10.98
N LYS A 76 0.78 -5.17 -10.80
CA LYS A 76 -0.15 -6.04 -11.55
C LYS A 76 0.25 -6.23 -13.03
N GLU A 77 0.41 -5.14 -13.78
CA GLU A 77 0.65 -5.25 -15.23
C GLU A 77 2.03 -5.82 -15.57
N GLN A 78 3.06 -5.46 -14.82
CA GLN A 78 4.39 -6.05 -15.06
C GLN A 78 4.41 -7.56 -14.77
N ILE A 79 3.65 -8.01 -13.77
CA ILE A 79 3.60 -9.42 -13.45
C ILE A 79 2.92 -10.15 -14.62
N GLU A 80 1.87 -9.55 -15.17
CA GLU A 80 1.19 -10.11 -16.35
C GLU A 80 2.12 -10.26 -17.53
N GLU A 81 2.84 -9.20 -17.87
CA GLU A 81 3.82 -9.27 -18.94
C GLU A 81 4.87 -10.35 -18.71
N ALA A 82 5.43 -10.41 -17.51
CA ALA A 82 6.44 -11.43 -17.20
C ALA A 82 5.94 -12.86 -17.40
N LEU A 83 4.64 -13.10 -17.26
CA LEU A 83 4.09 -14.45 -17.21
C LEU A 83 3.35 -14.84 -18.49
N LYS A 84 3.19 -13.90 -19.41
CA LYS A 84 2.41 -14.14 -20.61
C LYS A 84 2.96 -15.38 -21.32
N GLY A 85 2.06 -16.21 -21.83
CA GLY A 85 2.46 -17.38 -22.60
C GLY A 85 2.85 -18.58 -21.80
N ALA A 86 2.73 -18.51 -20.48
CA ALA A 86 3.14 -19.63 -19.65
C ALA A 86 2.05 -20.69 -19.74
N ASP A 87 2.44 -21.95 -19.94
CA ASP A 87 1.53 -23.07 -19.78
C ASP A 87 1.50 -23.46 -18.30
N MET A 88 2.63 -23.27 -17.61
CA MET A 88 2.72 -23.70 -16.23
C MET A 88 3.58 -22.74 -15.42
N VAL A 89 3.08 -22.42 -14.24
CA VAL A 89 3.71 -21.47 -13.34
C VAL A 89 3.77 -22.05 -11.95
N PHE A 90 4.98 -22.14 -11.41
CA PHE A 90 5.22 -22.48 -10.00
C PHE A 90 5.55 -21.20 -9.24
N VAL A 91 4.96 -21.06 -8.04
CA VAL A 91 5.16 -19.87 -7.19
C VAL A 91 5.72 -20.37 -5.86
N THR A 92 6.99 -20.05 -5.57
CA THR A 92 7.61 -20.49 -4.31
C THR A 92 7.80 -19.35 -3.37
N ALA A 93 7.65 -19.61 -2.10
CA ALA A 93 7.86 -18.56 -1.11
C ALA A 93 7.88 -19.17 0.26
N GLY A 94 8.51 -18.49 1.18
CA GLY A 94 8.47 -18.86 2.58
C GLY A 94 7.34 -18.02 3.13
N MET A 95 6.35 -18.66 3.74
CA MET A 95 5.20 -17.93 4.24
C MET A 95 5.56 -17.47 5.64
N GLY A 96 5.16 -16.26 5.98
CA GLY A 96 5.40 -15.74 7.33
C GLY A 96 5.75 -14.26 7.36
N GLY A 97 6.54 -13.81 6.41
CA GLY A 97 6.92 -12.42 6.32
C GLY A 97 5.92 -11.62 5.53
N GLY A 98 6.39 -10.58 4.86
CA GLY A 98 5.51 -9.62 4.23
C GLY A 98 5.39 -9.80 2.74
N THR A 99 6.51 -9.97 2.06
CA THR A 99 6.48 -10.01 0.62
C THR A 99 5.99 -11.36 0.13
N GLY A 100 6.46 -12.44 0.73
CA GLY A 100 6.03 -13.78 0.32
C GLY A 100 4.55 -13.94 0.59
N THR A 101 4.17 -13.76 1.85
CA THR A 101 2.81 -14.01 2.29
C THR A 101 1.80 -13.21 1.50
N GLY A 102 2.18 -11.98 1.15
CA GLY A 102 1.24 -10.99 0.64
C GLY A 102 1.20 -10.99 -0.85
N ALA A 103 2.37 -11.06 -1.47
CA ALA A 103 2.51 -10.97 -2.91
C ALA A 103 2.27 -12.33 -3.57
N ALA A 104 2.66 -13.43 -2.94
CA ALA A 104 2.60 -14.73 -3.65
C ALA A 104 1.17 -15.06 -4.18
N PRO A 105 0.14 -14.89 -3.32
CA PRO A 105 -1.26 -15.11 -3.75
C PRO A 105 -1.68 -14.22 -4.94
N VAL A 106 -1.29 -12.96 -4.93
CA VAL A 106 -1.61 -12.08 -6.06
C VAL A 106 -0.99 -12.60 -7.34
N ILE A 107 0.25 -13.04 -7.24
CA ILE A 107 1.00 -13.50 -8.41
C ILE A 107 0.42 -14.83 -8.88
N ALA A 108 0.04 -15.67 -7.94
CA ALA A 108 -0.59 -16.95 -8.27
C ALA A 108 -1.91 -16.72 -9.02
N GLN A 109 -2.70 -15.74 -8.58
CA GLN A 109 -4.02 -15.48 -9.16
C GLN A 109 -3.88 -14.90 -10.56
N ILE A 110 -2.89 -14.03 -10.76
CA ILE A 110 -2.61 -13.50 -12.09
C ILE A 110 -2.27 -14.66 -13.01
N ALA A 111 -1.41 -15.57 -12.58
CA ALA A 111 -1.07 -16.74 -13.38
C ALA A 111 -2.26 -17.63 -13.72
N LYS A 112 -3.14 -17.94 -12.75
CA LYS A 112 -4.35 -18.72 -13.04
C LYS A 112 -5.23 -17.99 -14.06
N ASP A 113 -5.44 -16.70 -13.80
CA ASP A 113 -6.27 -15.91 -14.68
C ASP A 113 -5.73 -15.97 -16.11
N LEU A 114 -4.42 -16.05 -16.30
CA LEU A 114 -3.85 -16.12 -17.64
C LEU A 114 -3.97 -17.52 -18.25
N GLY A 115 -4.62 -18.45 -17.55
CA GLY A 115 -4.72 -19.84 -18.04
C GLY A 115 -3.57 -20.78 -17.75
N ALA A 116 -2.60 -20.36 -16.94
CA ALA A 116 -1.47 -21.23 -16.58
C ALA A 116 -1.94 -22.28 -15.59
N LEU A 117 -1.39 -23.49 -15.69
CA LEU A 117 -1.49 -24.45 -14.60
C LEU A 117 -0.57 -23.89 -13.50
N THR A 118 -1.20 -23.53 -12.37
CA THR A 118 -0.54 -22.80 -11.30
C THR A 118 -0.38 -23.67 -10.06
N VAL A 119 0.87 -24.01 -9.76
CA VAL A 119 1.20 -24.81 -8.58
C VAL A 119 1.99 -23.91 -7.62
N GLY A 120 1.59 -23.91 -6.36
CA GLY A 120 2.30 -23.21 -5.31
C GLY A 120 3.12 -24.19 -4.52
N VAL A 121 4.34 -23.77 -4.13
CA VAL A 121 5.22 -24.55 -3.26
C VAL A 121 5.81 -23.62 -2.19
N VAL A 122 5.30 -23.76 -0.96
CA VAL A 122 5.56 -22.82 0.09
C VAL A 122 5.85 -23.57 1.37
N THR A 123 6.51 -22.88 2.28
CA THR A 123 6.76 -23.38 3.63
C THR A 123 5.94 -22.64 4.69
N ARG A 124 5.54 -23.39 5.69
CA ARG A 124 5.01 -22.85 6.93
C ARG A 124 6.24 -22.65 7.88
N PRO A 125 6.30 -21.55 8.65
CA PRO A 125 7.57 -21.26 9.33
C PRO A 125 7.86 -22.14 10.55
N PHE A 126 9.14 -22.19 10.95
CA PHE A 126 9.52 -22.91 12.17
C PHE A 126 8.80 -22.33 13.37
N THR A 127 8.38 -23.20 14.27
CA THR A 127 7.76 -22.79 15.52
C THR A 127 8.60 -21.80 16.31
N PHE A 128 9.92 -21.96 16.26
CA PHE A 128 10.81 -21.05 16.96
C PHE A 128 10.79 -19.62 16.44
N GLU A 129 10.07 -19.35 15.34
CA GLU A 129 10.02 -18.01 14.75
C GLU A 129 8.95 -17.16 15.42
N GLY A 130 8.10 -17.78 16.23
CA GLY A 130 7.09 -17.05 17.00
C GLY A 130 5.66 -17.16 16.49
N ARG A 131 4.71 -17.00 17.39
CA ARG A 131 3.30 -17.13 17.07
C ARG A 131 2.82 -16.14 16.01
N LYS A 132 3.43 -14.96 15.96
CA LYS A 132 3.01 -13.97 14.97
C LYS A 132 3.39 -14.39 13.53
N ARG A 133 4.58 -14.94 13.35
CA ARG A 133 4.96 -15.51 12.05
C ARG A 133 4.04 -16.66 11.67
N GLN A 134 3.67 -17.51 12.62
CA GLN A 134 2.72 -18.59 12.32
C GLN A 134 1.39 -18.04 11.89
N LEU A 135 0.93 -16.99 12.56
CA LEU A 135 -0.39 -16.50 12.26
C LEU A 135 -0.41 -15.95 10.88
N GLN A 136 0.59 -15.13 10.58
CA GLN A 136 0.68 -14.46 9.28
C GLN A 136 0.77 -15.50 8.18
N ALA A 137 1.55 -16.55 8.44
CA ALA A 137 1.72 -17.65 7.50
C ALA A 137 0.40 -18.36 7.24
N ALA A 138 -0.32 -18.75 8.29
CA ALA A 138 -1.63 -19.39 8.12
C ALA A 138 -2.49 -18.56 7.19
N GLY A 139 -2.49 -17.25 7.39
CA GLY A 139 -3.34 -16.37 6.62
C GLY A 139 -3.00 -16.46 5.16
N GLY A 140 -1.71 -16.38 4.84
CA GLY A 140 -1.26 -16.47 3.47
C GLY A 140 -1.40 -17.85 2.84
N ILE A 141 -1.27 -18.89 3.64
CA ILE A 141 -1.48 -20.25 3.10
C ILE A 141 -2.92 -20.37 2.58
N SER A 142 -3.92 -19.96 3.36
CA SER A 142 -5.29 -20.07 2.88
C SER A 142 -5.55 -19.15 1.70
N ALA A 143 -4.99 -17.94 1.72
CA ALA A 143 -5.07 -17.04 0.55
C ALA A 143 -4.52 -17.71 -0.69
N MET A 144 -3.31 -18.28 -0.57
CA MET A 144 -2.68 -19.06 -1.66
C MET A 144 -3.59 -20.18 -2.23
N LYS A 145 -4.23 -20.94 -1.34
CA LYS A 145 -5.05 -22.09 -1.79
C LYS A 145 -6.17 -21.64 -2.72
N GLU A 146 -6.77 -20.48 -2.45
CA GLU A 146 -7.79 -19.94 -3.33
C GLU A 146 -7.23 -19.49 -4.67
N ALA A 147 -5.91 -19.36 -4.79
CA ALA A 147 -5.28 -18.72 -5.96
C ALA A 147 -4.47 -19.67 -6.82
N VAL A 148 -4.38 -20.94 -6.42
CA VAL A 148 -3.61 -21.93 -7.16
C VAL A 148 -4.47 -23.13 -7.55
N ASP A 149 -3.93 -23.92 -8.49
CA ASP A 149 -4.50 -25.23 -8.79
C ASP A 149 -4.10 -26.25 -7.71
N THR A 150 -2.84 -26.25 -7.27
CA THR A 150 -2.41 -27.05 -6.11
C THR A 150 -1.41 -26.29 -5.23
N LEU A 151 -1.60 -26.33 -3.93
CA LEU A 151 -0.64 -25.73 -2.99
C LEU A 151 0.05 -26.82 -2.18
N ILE A 152 1.33 -27.01 -2.45
CA ILE A 152 2.18 -27.89 -1.67
C ILE A 152 2.70 -27.07 -0.48
N VAL A 153 2.44 -27.55 0.73
CA VAL A 153 2.81 -26.84 1.96
C VAL A 153 3.78 -27.69 2.77
N ILE A 154 4.99 -27.20 2.89
CA ILE A 154 6.06 -27.86 3.62
C ILE A 154 6.16 -27.28 5.06
N PRO A 155 5.94 -28.13 6.07
CA PRO A 155 6.07 -27.60 7.43
C PRO A 155 7.50 -27.62 7.87
N ASN A 156 8.11 -26.45 8.02
CA ASN A 156 9.51 -26.35 8.36
C ASN A 156 9.95 -27.11 9.62
N ASP A 157 9.08 -27.21 10.61
CA ASP A 157 9.43 -27.97 11.81
C ASP A 157 9.91 -29.38 11.49
N ARG A 158 9.29 -30.03 10.51
CA ARG A 158 9.65 -31.40 10.17
C ARG A 158 11.02 -31.48 9.52
N ILE A 159 11.51 -30.39 8.95
CA ILE A 159 12.87 -30.40 8.45
C ILE A 159 13.86 -30.77 9.58
N LEU A 160 13.57 -30.32 10.79
CA LEU A 160 14.44 -30.63 11.95
C LEU A 160 14.47 -32.12 12.31
N GLU A 161 13.46 -32.88 11.85
CA GLU A 161 13.48 -34.34 11.99
C GLU A 161 14.23 -35.03 10.83
N ILE A 162 14.92 -34.26 9.99
CA ILE A 162 15.67 -34.85 8.88
C ILE A 162 17.15 -34.54 9.08
N VAL A 163 17.51 -33.27 9.00
CA VAL A 163 18.83 -32.80 9.40
C VAL A 163 19.03 -33.06 10.90
N ASP A 164 20.28 -33.09 11.35
CA ASP A 164 20.57 -33.37 12.77
C ASP A 164 20.22 -32.16 13.65
N LYS A 165 20.19 -32.40 14.96
CA LYS A 165 19.81 -31.37 15.93
C LYS A 165 20.97 -30.37 16.13
N ASN A 166 22.11 -30.69 15.52
CA ASN A 166 23.27 -29.79 15.48
C ASN A 166 23.03 -28.54 14.63
N THR A 167 22.12 -28.64 13.65
CA THR A 167 21.97 -27.63 12.61
C THR A 167 21.50 -26.28 13.17
N PRO A 168 22.32 -25.22 12.99
CA PRO A 168 21.91 -23.86 13.35
C PRO A 168 20.92 -23.28 12.34
N MET A 169 20.33 -22.12 12.64
CA MET A 169 19.37 -21.48 11.75
C MET A 169 19.79 -21.41 10.27
N LEU A 170 20.96 -20.86 9.98
CA LEU A 170 21.30 -20.54 8.60
C LEU A 170 21.29 -21.81 7.76
N GLU A 171 21.77 -22.89 8.36
CA GLU A 171 21.85 -24.17 7.69
C GLU A 171 20.45 -24.79 7.57
N ALA A 172 19.65 -24.64 8.62
CA ALA A 172 18.25 -25.06 8.58
C ALA A 172 17.52 -24.43 7.38
N PHE A 173 17.67 -23.13 7.19
CA PHE A 173 17.01 -22.46 6.08
C PHE A 173 17.58 -22.86 4.73
N ARG A 174 18.84 -23.27 4.67
CA ARG A 174 19.41 -23.77 3.41
C ARG A 174 18.76 -25.11 3.08
N GLU A 175 18.43 -25.87 4.11
CA GLU A 175 17.70 -27.09 3.89
C GLU A 175 16.29 -26.81 3.36
N ALA A 176 15.64 -25.77 3.89
CA ALA A 176 14.34 -25.33 3.41
C ALA A 176 14.40 -24.94 1.92
N ASP A 177 15.46 -24.27 1.48
CA ASP A 177 15.61 -23.96 0.06
C ASP A 177 15.60 -25.24 -0.79
N ASN A 178 16.09 -26.32 -0.19
CA ASN A 178 16.32 -27.58 -0.87
C ASN A 178 15.05 -28.44 -0.95
N VAL A 179 14.24 -28.38 0.10
CA VAL A 179 12.93 -29.00 0.07
C VAL A 179 12.03 -28.27 -0.93
N LEU A 180 12.08 -26.94 -0.95
CA LEU A 180 11.32 -26.14 -1.92
C LEU A 180 11.73 -26.50 -3.36
N ARG A 181 13.02 -26.61 -3.57
CA ARG A 181 13.54 -26.99 -4.86
C ARG A 181 13.04 -28.38 -5.27
N GLN A 182 12.99 -29.30 -4.31
CA GLN A 182 12.59 -30.68 -4.60
C GLN A 182 11.11 -30.77 -4.91
N GLY A 183 10.31 -29.87 -4.32
CA GLY A 183 8.87 -29.84 -4.58
C GLY A 183 8.58 -29.31 -5.98
N VAL A 184 9.31 -28.30 -6.42
CA VAL A 184 9.16 -27.76 -7.76
C VAL A 184 9.71 -28.78 -8.75
N GLN A 185 10.96 -29.20 -8.52
CA GLN A 185 11.66 -30.10 -9.42
C GLN A 185 11.04 -31.49 -9.52
N GLY A 186 10.59 -32.05 -8.42
CA GLY A 186 9.87 -33.31 -8.48
C GLY A 186 8.77 -33.31 -9.54
N ILE A 187 8.08 -32.18 -9.72
CA ILE A 187 7.04 -32.07 -10.74
C ILE A 187 7.64 -31.63 -12.08
N SER A 188 8.37 -30.52 -12.09
CA SER A 188 8.84 -29.93 -13.32
C SER A 188 9.68 -30.88 -14.16
N ASP A 189 10.53 -31.70 -13.53
CA ASP A 189 11.40 -32.63 -14.29
C ASP A 189 10.62 -33.64 -15.15
N LEU A 190 9.44 -34.07 -14.68
CA LEU A 190 8.58 -35.01 -15.40
C LEU A 190 7.91 -34.39 -16.63
N ILE A 191 7.74 -33.08 -16.61
CA ILE A 191 6.96 -32.37 -17.62
C ILE A 191 7.83 -31.48 -18.51
N ALA A 192 8.97 -31.00 -18.04
CA ALA A 192 9.84 -30.16 -18.86
C ALA A 192 10.28 -30.92 -20.11
N THR A 193 10.82 -32.12 -19.89
CA THR A 193 11.21 -33.03 -20.99
C THR A 193 10.36 -34.31 -21.00
N PRO A 194 10.05 -34.88 -22.19
CA PRO A 194 9.39 -36.20 -22.13
C PRO A 194 10.37 -37.27 -21.62
N GLY A 195 9.93 -38.08 -20.65
CA GLY A 195 10.79 -39.11 -20.08
C GLY A 195 10.61 -40.45 -20.81
N LEU A 196 11.17 -41.50 -20.23
CA LEU A 196 10.95 -42.86 -20.76
C LEU A 196 9.54 -43.33 -20.45
N ILE A 197 9.02 -43.00 -19.26
CA ILE A 197 7.58 -43.10 -19.05
C ILE A 197 6.95 -41.83 -19.67
N ASN A 198 6.10 -42.02 -20.67
CA ASN A 198 5.42 -40.89 -21.31
C ASN A 198 4.48 -40.25 -20.29
N LEU A 199 4.59 -38.94 -20.13
CA LEU A 199 3.91 -38.23 -19.06
C LEU A 199 3.60 -36.80 -19.53
N ASP A 200 2.32 -36.52 -19.73
CA ASP A 200 1.89 -35.23 -20.30
C ASP A 200 1.11 -34.32 -19.31
N PHE A 201 0.74 -33.13 -19.77
CA PHE A 201 0.02 -32.18 -18.96
C PHE A 201 -1.29 -32.67 -18.40
N ALA A 202 -2.00 -33.41 -19.23
CA ALA A 202 -3.28 -33.98 -18.85
C ALA A 202 -3.11 -34.88 -17.66
N ASP A 203 -2.06 -35.70 -17.70
CA ASP A 203 -1.75 -36.63 -16.60
C ASP A 203 -1.56 -35.80 -15.33
N VAL A 204 -0.74 -34.77 -15.43
CA VAL A 204 -0.50 -33.90 -14.29
C VAL A 204 -1.77 -33.17 -13.85
N LYS A 205 -2.58 -32.64 -14.77
CA LYS A 205 -3.84 -31.95 -14.34
C LYS A 205 -4.72 -32.86 -13.50
N THR A 206 -4.62 -34.14 -13.79
CA THR A 206 -5.39 -35.16 -13.12
C THR A 206 -5.21 -35.21 -11.59
N ILE A 207 -4.02 -34.89 -11.11
CA ILE A 207 -3.75 -35.00 -9.67
C ILE A 207 -3.86 -33.63 -8.93
N MET A 208 -4.29 -32.59 -9.66
CA MET A 208 -4.44 -31.23 -9.13
C MET A 208 -5.69 -31.02 -8.28
N SER A 209 -5.48 -30.73 -7.00
CA SER A 209 -6.56 -30.28 -6.13
C SER A 209 -6.03 -29.18 -5.25
N ASN A 210 -6.76 -28.07 -5.21
CA ASN A 210 -6.56 -27.02 -4.22
C ASN A 210 -7.48 -27.21 -2.99
N LYS A 211 -8.17 -28.36 -2.92
CA LYS A 211 -8.96 -28.70 -1.76
C LYS A 211 -8.04 -29.43 -0.81
N GLY A 212 -7.55 -28.69 0.18
CA GLY A 212 -6.58 -29.19 1.17
C GLY A 212 -5.14 -28.94 0.72
N SER A 213 -4.25 -28.70 1.67
CA SER A 213 -2.82 -28.57 1.37
C SER A 213 -2.32 -29.88 0.76
N ALA A 214 -1.61 -29.81 -0.35
CA ALA A 214 -0.91 -30.99 -0.84
C ALA A 214 0.38 -31.16 -0.03
N LEU A 215 0.84 -32.41 0.06
CA LEU A 215 2.03 -32.76 0.85
C LEU A 215 3.03 -33.51 0.01
N MET A 216 4.28 -33.39 0.38
CA MET A 216 5.33 -34.05 -0.33
C MET A 216 6.14 -34.89 0.65
N GLY A 217 6.64 -36.01 0.12
CA GLY A 217 7.62 -36.83 0.79
C GLY A 217 8.83 -37.01 -0.10
N ILE A 218 10.01 -37.08 0.53
CA ILE A 218 11.25 -37.31 -0.18
C ILE A 218 12.01 -38.42 0.52
N GLY A 219 12.67 -39.27 -0.29
CA GLY A 219 13.55 -40.33 0.20
C GLY A 219 14.81 -40.42 -0.66
N ILE A 220 15.98 -40.48 0.00
CA ILE A 220 17.27 -40.58 -0.71
C ILE A 220 18.06 -41.80 -0.21
N ALA A 221 18.65 -42.55 -1.14
CA ALA A 221 19.47 -43.74 -0.80
C ALA A 221 20.59 -44.00 -1.81
N THR A 222 21.63 -44.71 -1.35
CA THR A 222 22.67 -45.28 -2.22
C THR A 222 22.79 -46.77 -1.88
N GLY A 223 23.77 -47.43 -2.50
CA GLY A 223 24.01 -48.84 -2.22
C GLY A 223 22.99 -49.75 -2.87
N GLU A 224 23.17 -51.05 -2.65
CA GLU A 224 22.56 -52.07 -3.49
C GLU A 224 21.04 -52.20 -3.27
N ASN A 225 20.52 -51.67 -2.17
CA ASN A 225 19.08 -51.78 -1.99
C ASN A 225 18.36 -50.43 -2.14
N ARG A 226 18.96 -49.57 -2.95
CA ARG A 226 18.56 -48.17 -3.05
C ARG A 226 17.08 -47.93 -3.38
N ALA A 227 16.55 -48.64 -4.38
CA ALA A 227 15.17 -48.44 -4.84
C ALA A 227 14.17 -48.53 -3.72
N ALA A 228 14.19 -49.64 -3.00
CA ALA A 228 13.23 -49.88 -1.94
C ALA A 228 13.44 -48.87 -0.79
N GLU A 229 14.70 -48.54 -0.50
CA GLU A 229 15.04 -47.70 0.64
C GLU A 229 14.54 -46.24 0.45
N ALA A 230 14.82 -45.67 -0.74
CA ALA A 230 14.30 -44.35 -1.12
C ALA A 230 12.78 -44.33 -1.27
N ALA A 231 12.17 -45.40 -1.80
CA ALA A 231 10.72 -45.42 -1.91
C ALA A 231 10.11 -45.42 -0.53
N LYS A 232 10.74 -46.15 0.39
CA LYS A 232 10.16 -46.40 1.72
C LYS A 232 10.36 -45.16 2.59
N LYS A 233 11.55 -44.58 2.51
CA LYS A 233 11.80 -43.29 3.15
C LYS A 233 10.85 -42.17 2.68
N ALA A 234 10.55 -42.11 1.38
CA ALA A 234 9.65 -41.08 0.86
C ALA A 234 8.26 -41.21 1.45
N ILE A 235 7.74 -42.43 1.53
CA ILE A 235 6.38 -42.62 2.05
C ILE A 235 6.35 -42.44 3.57
N SER A 236 7.52 -42.42 4.20
CA SER A 236 7.71 -42.19 5.64
C SER A 236 8.34 -40.84 5.97
N SER A 237 8.45 -39.94 4.98
CA SER A 237 9.05 -38.63 5.21
C SER A 237 8.28 -37.88 6.32
N PRO A 238 9.01 -37.32 7.30
CA PRO A 238 8.41 -36.39 8.26
C PRO A 238 7.60 -35.26 7.59
N LEU A 239 8.01 -34.86 6.38
CA LEU A 239 7.33 -33.81 5.62
C LEU A 239 5.92 -34.22 5.21
N LEU A 240 5.65 -35.52 5.25
CA LEU A 240 4.37 -36.06 4.82
C LEU A 240 3.50 -36.25 6.07
N GLU A 241 2.89 -35.18 6.55
CA GLU A 241 2.20 -35.23 7.84
C GLU A 241 0.90 -36.04 7.86
N ALA A 242 0.26 -36.24 6.71
CA ALA A 242 -0.84 -37.19 6.62
C ALA A 242 -0.29 -38.43 5.94
N ALA A 243 -0.82 -39.61 6.24
CA ALA A 243 -0.37 -40.82 5.57
C ALA A 243 -0.79 -40.79 4.11
N ILE A 244 0.08 -41.34 3.28
CA ILE A 244 -0.11 -41.36 1.83
C ILE A 244 -1.39 -42.07 1.37
N ASP A 245 -1.85 -43.06 2.11
CA ASP A 245 -3.11 -43.77 1.77
C ASP A 245 -4.36 -42.90 1.85
N GLY A 246 -4.25 -41.76 2.55
CA GLY A 246 -5.31 -40.74 2.57
C GLY A 246 -5.47 -39.98 1.27
N ALA A 247 -4.45 -39.98 0.43
CA ALA A 247 -4.46 -39.13 -0.79
C ALA A 247 -5.29 -39.72 -1.91
N GLN A 248 -6.11 -38.90 -2.53
CA GLN A 248 -6.85 -39.26 -3.75
C GLN A 248 -5.92 -39.21 -4.97
N GLY A 249 -4.83 -38.44 -4.89
CA GLY A 249 -3.88 -38.30 -6.01
C GLY A 249 -2.44 -38.43 -5.55
N VAL A 250 -1.62 -39.11 -6.35
CA VAL A 250 -0.22 -39.29 -6.03
C VAL A 250 0.64 -39.17 -7.28
N LEU A 251 1.59 -38.26 -7.26
CA LEU A 251 2.59 -38.16 -8.30
C LEU A 251 3.84 -38.78 -7.71
N MET A 252 4.54 -39.57 -8.50
CA MET A 252 5.80 -40.13 -8.03
C MET A 252 6.85 -39.85 -9.05
N ASN A 253 7.98 -39.33 -8.59
CA ASN A 253 9.15 -39.05 -9.39
C ASN A 253 10.30 -39.90 -8.85
N ILE A 254 10.82 -40.83 -9.63
CA ILE A 254 12.05 -41.53 -9.28
C ILE A 254 13.12 -41.00 -10.19
N THR A 255 14.17 -40.44 -9.58
CA THR A 255 15.30 -39.92 -10.37
C THR A 255 16.57 -40.65 -9.94
N GLY A 256 17.45 -40.87 -10.91
CA GLY A 256 18.71 -41.59 -10.65
C GLY A 256 19.73 -41.30 -11.73
N GLY A 257 20.87 -41.98 -11.65
CA GLY A 257 21.95 -41.84 -12.64
C GLY A 257 21.74 -42.80 -13.78
N THR A 258 22.71 -42.85 -14.70
CA THR A 258 22.60 -43.72 -15.90
C THR A 258 22.48 -45.19 -15.54
N ASN A 259 22.87 -45.58 -14.33
CA ASN A 259 22.68 -46.95 -13.89
C ASN A 259 21.31 -47.21 -13.25
N LEU A 260 20.41 -46.20 -13.29
CA LEU A 260 19.05 -46.42 -12.81
C LEU A 260 18.49 -47.58 -13.63
N SER A 261 18.00 -48.59 -12.94
CA SER A 261 17.64 -49.85 -13.58
C SER A 261 16.12 -50.03 -13.68
N LEU A 262 15.71 -50.77 -14.71
CA LEU A 262 14.33 -51.16 -14.90
C LEU A 262 13.69 -51.78 -13.68
N TYR A 263 14.39 -52.70 -13.02
CA TYR A 263 13.80 -53.36 -11.84
C TYR A 263 13.61 -52.41 -10.65
N GLU A 264 14.51 -51.44 -10.51
CA GLU A 264 14.41 -50.44 -9.46
C GLU A 264 13.17 -49.54 -9.62
N VAL A 265 12.99 -49.06 -10.85
CA VAL A 265 11.83 -48.28 -11.18
C VAL A 265 10.60 -49.07 -10.79
N GLN A 266 10.52 -50.29 -11.28
CA GLN A 266 9.37 -51.14 -11.02
C GLN A 266 9.19 -51.36 -9.53
N GLU A 267 10.29 -51.59 -8.82
CA GLU A 267 10.22 -51.82 -7.38
C GLU A 267 9.71 -50.59 -6.63
N ALA A 268 10.34 -49.45 -6.86
CA ALA A 268 9.93 -48.16 -6.23
C ALA A 268 8.47 -47.86 -6.52
N ALA A 269 8.06 -47.95 -7.77
CA ALA A 269 6.65 -47.72 -8.15
C ALA A 269 5.69 -48.64 -7.38
N ASP A 270 6.11 -49.87 -7.17
CA ASP A 270 5.26 -50.84 -6.53
C ASP A 270 5.16 -50.60 -5.02
N ILE A 271 6.27 -50.19 -4.40
CA ILE A 271 6.24 -49.84 -2.99
C ILE A 271 5.27 -48.70 -2.77
N VAL A 272 5.46 -47.61 -3.51
CA VAL A 272 4.62 -46.42 -3.38
C VAL A 272 3.17 -46.76 -3.66
N ALA A 273 2.91 -47.54 -4.70
CA ALA A 273 1.51 -47.94 -4.99
C ALA A 273 0.93 -48.86 -3.89
N SER A 274 1.77 -49.70 -3.30
CA SER A 274 1.34 -50.62 -2.25
C SER A 274 0.98 -49.90 -0.96
N ALA A 275 1.61 -48.74 -0.72
CA ALA A 275 1.26 -47.88 0.44
C ALA A 275 0.04 -47.00 0.21
N SER A 276 -0.43 -46.90 -1.03
CA SER A 276 -1.43 -45.92 -1.36
C SER A 276 -2.76 -46.58 -1.38
N ASP A 277 -3.80 -45.76 -1.48
CA ASP A 277 -5.16 -46.25 -1.53
C ASP A 277 -5.37 -47.10 -2.77
N GLN A 278 -6.16 -48.16 -2.62
CA GLN A 278 -6.52 -49.04 -3.75
C GLN A 278 -7.10 -48.28 -4.95
N ASP A 279 -7.74 -47.14 -4.71
CA ASP A 279 -8.32 -46.37 -5.81
C ASP A 279 -7.57 -45.05 -6.09
N VAL A 280 -6.37 -44.91 -5.56
CA VAL A 280 -5.55 -43.74 -5.85
C VAL A 280 -5.42 -43.54 -7.37
N ASN A 281 -5.31 -42.28 -7.76
CA ASN A 281 -4.97 -41.93 -9.11
C ASN A 281 -3.47 -41.56 -9.08
N MET A 282 -2.66 -42.45 -9.64
CA MET A 282 -1.21 -42.39 -9.50
C MET A 282 -0.53 -42.20 -10.83
N ILE A 283 0.34 -41.20 -10.93
CA ILE A 283 1.14 -41.02 -12.15
C ILE A 283 2.64 -41.06 -11.77
N PHE A 284 3.40 -41.90 -12.47
CA PHE A 284 4.80 -42.16 -12.15
C PHE A 284 5.61 -41.61 -13.30
N GLY A 285 6.74 -41.02 -12.95
CA GLY A 285 7.65 -40.47 -13.91
C GLY A 285 9.03 -40.87 -13.47
N SER A 286 9.94 -40.84 -14.43
CA SER A 286 11.30 -41.27 -14.23
C SER A 286 12.22 -40.39 -15.04
N VAL A 287 13.31 -39.97 -14.41
CA VAL A 287 14.28 -39.07 -15.06
C VAL A 287 15.68 -39.55 -14.70
N ILE A 288 16.60 -39.38 -15.66
CA ILE A 288 18.01 -39.65 -15.44
C ILE A 288 18.75 -38.35 -15.15
N ASN A 289 19.47 -38.33 -14.04
CA ASN A 289 20.35 -37.20 -13.72
C ASN A 289 21.78 -37.68 -13.73
N GLU A 290 22.52 -37.21 -14.73
CA GLU A 290 23.91 -37.63 -14.95
C GLU A 290 24.76 -37.32 -13.70
N ASN A 291 24.51 -36.17 -13.07
CA ASN A 291 25.25 -35.76 -11.86
C ASN A 291 25.05 -36.69 -10.66
N LEU A 292 23.88 -37.27 -10.49
CA LEU A 292 23.76 -38.40 -9.56
C LEU A 292 24.65 -39.54 -10.09
N LYS A 293 25.25 -40.31 -9.19
CA LYS A 293 26.04 -41.48 -9.61
C LYS A 293 25.48 -42.75 -8.98
N ASP A 294 25.69 -42.98 -7.70
CA ASP A 294 25.12 -44.16 -7.04
C ASP A 294 23.87 -43.86 -6.23
N GLU A 295 23.44 -42.61 -6.25
CA GLU A 295 22.32 -42.17 -5.41
C GLU A 295 21.01 -42.11 -6.23
N ILE A 296 19.88 -42.56 -5.66
CA ILE A 296 18.58 -42.24 -6.25
C ILE A 296 17.69 -41.33 -5.35
N VAL A 297 16.81 -40.56 -5.99
CA VAL A 297 15.84 -39.70 -5.29
C VAL A 297 14.44 -40.09 -5.68
N VAL A 298 13.61 -40.31 -4.68
CA VAL A 298 12.18 -40.54 -4.90
C VAL A 298 11.39 -39.41 -4.25
N THR A 299 10.56 -38.76 -5.06
CA THR A 299 9.65 -37.76 -4.55
C THR A 299 8.23 -38.18 -4.82
N VAL A 300 7.41 -38.01 -3.80
CA VAL A 300 5.98 -38.18 -3.90
C VAL A 300 5.27 -36.87 -3.54
N ILE A 301 4.31 -36.47 -4.37
CA ILE A 301 3.44 -35.34 -4.10
C ILE A 301 2.04 -35.95 -3.89
N ALA A 302 1.47 -35.78 -2.70
CA ALA A 302 0.17 -36.36 -2.39
C ALA A 302 -0.89 -35.26 -2.37
N THR A 303 -1.99 -35.47 -3.11
CA THR A 303 -3.08 -34.48 -3.21
C THR A 303 -4.46 -35.08 -2.95
N GLY A 304 -5.42 -34.18 -2.71
CA GLY A 304 -6.83 -34.54 -2.65
C GLY A 304 -7.13 -35.36 -1.41
N PHE A 305 -6.59 -34.93 -0.27
CA PHE A 305 -6.78 -35.67 0.97
C PHE A 305 -8.22 -35.65 1.44
N LEU A 306 -9.02 -34.68 0.98
CA LEU A 306 -10.39 -34.52 1.45
C LEU A 306 -11.44 -35.12 0.51
N ALA B 2 -24.46 24.55 5.19
CA ALA B 2 -25.09 24.51 6.54
C ALA B 2 -24.47 23.38 7.38
N SER B 3 -24.32 22.20 6.77
CA SER B 3 -23.46 21.13 7.30
C SER B 3 -22.01 21.30 6.75
N ILE B 4 -21.11 21.78 7.60
CA ILE B 4 -19.73 22.10 7.19
C ILE B 4 -18.72 21.24 7.98
N LYS B 5 -17.88 20.52 7.24
CA LYS B 5 -16.85 19.67 7.87
C LYS B 5 -15.47 20.16 7.49
N VAL B 6 -14.60 20.16 8.47
CA VAL B 6 -13.22 20.55 8.31
C VAL B 6 -12.38 19.33 8.67
N ILE B 7 -11.68 18.79 7.69
CA ILE B 7 -10.90 17.60 7.90
C ILE B 7 -9.37 17.88 7.76
N GLY B 8 -8.66 17.68 8.86
CA GLY B 8 -7.20 17.82 8.87
C GLY B 8 -6.57 16.46 8.59
N VAL B 9 -5.59 16.44 7.68
CA VAL B 9 -5.03 15.21 7.14
C VAL B 9 -3.50 15.26 7.28
N GLY B 10 -2.95 14.30 8.01
CA GLY B 10 -1.53 14.36 8.39
C GLY B 10 -1.30 15.22 9.63
N GLY B 11 -0.06 15.28 10.08
CA GLY B 11 0.33 16.00 11.28
C GLY B 11 0.12 17.50 11.18
N GLY B 12 0.61 18.10 10.10
CA GLY B 12 0.42 19.52 9.86
C GLY B 12 -1.06 19.88 9.86
N GLY B 13 -1.84 19.11 9.13
CA GLY B 13 -3.27 19.34 9.04
C GLY B 13 -3.96 19.19 10.37
N ASN B 14 -3.60 18.17 11.14
CA ASN B 14 -4.22 17.96 12.45
C ASN B 14 -3.84 19.12 13.36
N ASN B 15 -2.56 19.56 13.31
CA ASN B 15 -2.12 20.67 14.15
C ASN B 15 -2.87 21.94 13.75
N ALA B 16 -3.07 22.14 12.45
CA ALA B 16 -3.92 23.23 11.96
C ALA B 16 -5.33 23.15 12.54
N VAL B 17 -5.92 21.96 12.56
CA VAL B 17 -7.27 21.81 13.08
C VAL B 17 -7.27 22.07 14.60
N ASN B 18 -6.22 21.65 15.28
CA ASN B 18 -6.07 21.94 16.73
C ASN B 18 -6.08 23.44 16.98
N ARG B 19 -5.41 24.18 16.11
CA ARG B 19 -5.35 25.62 16.22
C ARG B 19 -6.71 26.25 16.04
N MET B 20 -7.51 25.70 15.13
CA MET B 20 -8.86 26.19 14.92
C MET B 20 -9.72 25.93 16.13
N ILE B 21 -9.66 24.72 16.67
CA ILE B 21 -10.46 24.34 17.83
C ILE B 21 -10.14 25.25 19.02
N GLU B 22 -8.85 25.52 19.23
CA GLU B 22 -8.36 26.44 20.27
C GLU B 22 -8.79 27.90 20.07
N ASN B 23 -9.22 28.28 18.88
CA ASN B 23 -9.72 29.65 18.63
C ASN B 23 -11.22 29.63 18.38
N GLU B 24 -11.83 28.49 18.72
CA GLU B 24 -13.28 28.34 18.82
C GLU B 24 -14.01 28.74 17.54
N VAL B 25 -13.45 28.36 16.40
CA VAL B 25 -14.16 28.58 15.17
C VAL B 25 -15.42 27.76 15.31
N GLN B 26 -16.56 28.43 15.20
CA GLN B 26 -17.88 27.82 15.44
C GLN B 26 -18.45 27.32 14.13
N GLY B 27 -19.59 26.64 14.25
CA GLY B 27 -20.39 26.25 13.10
C GLY B 27 -19.82 25.14 12.23
N VAL B 28 -18.71 24.53 12.64
CA VAL B 28 -18.08 23.47 11.86
C VAL B 28 -17.82 22.20 12.68
N GLU B 29 -17.91 21.05 12.04
CA GLU B 29 -17.44 19.80 12.65
C GLU B 29 -16.01 19.47 12.20
N TYR B 30 -15.17 19.19 13.19
CA TYR B 30 -13.80 18.79 12.95
C TYR B 30 -13.58 17.27 12.89
N ILE B 31 -12.84 16.81 11.86
CA ILE B 31 -12.37 15.43 11.75
C ILE B 31 -10.84 15.45 11.59
N ALA B 32 -10.13 14.68 12.42
CA ALA B 32 -8.68 14.52 12.28
C ALA B 32 -8.41 13.16 11.63
N VAL B 33 -7.52 13.15 10.63
CA VAL B 33 -7.16 11.94 9.90
C VAL B 33 -5.64 11.74 9.97
N ASN B 34 -5.21 10.51 10.25
CA ASN B 34 -3.78 10.17 10.23
C ASN B 34 -3.51 8.66 10.06
N THR B 35 -2.35 8.35 9.51
CA THR B 35 -1.90 6.98 9.41
C THR B 35 -1.15 6.62 10.69
N ASP B 36 -0.76 7.63 11.45
CA ASP B 36 0.01 7.47 12.69
C ASP B 36 -0.97 7.53 13.84
N ALA B 37 -1.00 6.47 14.65
CA ALA B 37 -2.01 6.31 15.68
C ALA B 37 -1.66 7.17 16.89
N GLN B 38 -0.39 7.22 17.23
CA GLN B 38 0.09 8.07 18.31
C GLN B 38 -0.21 9.56 18.10
N ALA B 39 0.14 10.08 16.93
CA ALA B 39 -0.13 11.49 16.60
C ALA B 39 -1.63 11.78 16.73
N LEU B 40 -2.45 10.84 16.29
CA LEU B 40 -3.89 11.01 16.29
C LEU B 40 -4.48 11.19 17.70
N ASN B 41 -3.87 10.61 18.74
CA ASN B 41 -4.28 10.88 20.14
C ASN B 41 -4.02 12.32 20.61
N LEU B 42 -3.04 12.97 20.03
CA LEU B 42 -2.80 14.38 20.34
C LEU B 42 -3.81 15.32 19.69
N SER B 43 -4.80 14.80 18.97
CA SER B 43 -5.74 15.68 18.28
C SER B 43 -6.91 16.03 19.18
N LYS B 44 -7.29 17.30 19.18
CA LYS B 44 -8.46 17.73 19.94
C LYS B 44 -9.77 17.50 19.18
N ALA B 45 -9.68 17.01 17.95
CA ALA B 45 -10.85 16.79 17.13
C ALA B 45 -11.80 15.78 17.76
N GLU B 46 -13.09 15.99 17.60
CA GLU B 46 -14.08 15.08 18.13
C GLU B 46 -14.01 13.72 17.40
N VAL B 47 -14.09 13.74 16.06
CA VAL B 47 -13.97 12.54 15.26
C VAL B 47 -12.52 12.33 14.84
N LYS B 48 -11.90 11.25 15.32
CA LYS B 48 -10.56 10.86 14.93
C LYS B 48 -10.64 9.64 14.03
N MET B 49 -10.05 9.72 12.84
CA MET B 49 -10.13 8.64 11.86
C MET B 49 -8.73 8.15 11.54
N GLN B 50 -8.44 6.90 11.90
CA GLN B 50 -7.18 6.27 11.56
C GLN B 50 -7.35 5.60 10.25
N ILE B 51 -6.59 6.01 9.26
CA ILE B 51 -6.71 5.41 7.93
C ILE B 51 -5.56 4.44 7.68
N GLY B 52 -5.80 3.48 6.78
CA GLY B 52 -4.78 2.50 6.41
C GLY B 52 -4.22 1.66 7.56
N ALA B 53 -5.12 1.24 8.46
CA ALA B 53 -4.79 0.35 9.59
C ALA B 53 -3.99 -0.86 9.17
N LYS B 54 -4.46 -1.54 8.14
CA LYS B 54 -3.76 -2.72 7.64
C LYS B 54 -2.43 -2.40 6.95
N LEU B 55 -2.41 -1.33 6.15
CA LEU B 55 -1.22 -0.99 5.36
C LEU B 55 -0.13 -0.51 6.27
N THR B 56 -0.52 0.27 7.27
CA THR B 56 0.47 0.99 8.06
C THR B 56 0.58 0.50 9.50
N ARG B 57 -0.37 -0.30 9.98
CA ARG B 57 -0.38 -0.77 11.36
C ARG B 57 -0.39 0.39 12.36
N GLY B 58 -0.94 1.52 11.95
CA GLY B 58 -0.94 2.71 12.78
C GLY B 58 0.42 3.36 13.01
N LEU B 59 1.44 2.95 12.27
CA LEU B 59 2.83 3.45 12.47
C LEU B 59 3.20 4.58 11.51
N GLY B 60 2.21 5.19 10.88
CA GLY B 60 2.46 6.36 10.02
C GLY B 60 2.72 6.01 8.56
N ALA B 61 3.23 6.97 7.80
CA ALA B 61 3.39 6.80 6.34
C ALA B 61 4.83 6.94 5.86
N GLY B 62 5.78 7.08 6.78
CA GLY B 62 7.20 7.24 6.44
C GLY B 62 7.46 8.29 5.39
N ALA B 63 6.64 9.35 5.38
CA ALA B 63 6.85 10.48 4.45
C ALA B 63 6.75 10.05 2.94
N ASN B 64 6.02 8.97 2.70
CA ASN B 64 5.75 8.45 1.35
C ASN B 64 4.31 8.71 0.91
N PRO B 65 4.11 9.62 -0.05
CA PRO B 65 2.76 9.92 -0.56
C PRO B 65 1.97 8.70 -0.98
N GLU B 66 2.62 7.75 -1.63
CA GLU B 66 1.99 6.51 -2.08
C GLU B 66 1.33 5.77 -0.89
N VAL B 67 2.00 5.75 0.26
CA VAL B 67 1.44 5.09 1.43
C VAL B 67 0.21 5.87 1.92
N GLY B 68 0.30 7.21 1.93
CA GLY B 68 -0.86 8.06 2.26
C GLY B 68 -2.05 7.82 1.32
N LYS B 69 -1.75 7.68 0.04
CA LYS B 69 -2.77 7.40 -0.95
C LYS B 69 -3.45 6.08 -0.69
N LYS B 70 -2.69 5.00 -0.52
CA LYS B 70 -3.27 3.68 -0.35
C LYS B 70 -3.88 3.48 1.00
N ALA B 71 -3.45 4.27 2.00
CA ALA B 71 -4.07 4.19 3.30
C ALA B 71 -5.49 4.71 3.16
N ALA B 72 -5.65 5.79 2.41
CA ALA B 72 -6.95 6.46 2.26
C ALA B 72 -7.86 5.62 1.42
N GLU B 73 -7.34 4.99 0.37
CA GLU B 73 -8.11 4.01 -0.40
C GLU B 73 -8.57 2.82 0.46
N GLU B 74 -7.69 2.23 1.24
CA GLU B 74 -8.11 1.17 2.17
C GLU B 74 -9.30 1.63 3.00
N SER B 75 -9.27 2.88 3.47
CA SER B 75 -10.30 3.43 4.35
C SER B 75 -11.42 4.24 3.63
N LYS B 76 -11.63 3.95 2.34
CA LYS B 76 -12.57 4.66 1.46
C LYS B 76 -13.99 4.68 2.02
N GLU B 77 -14.36 3.61 2.70
CA GLU B 77 -15.70 3.47 3.26
C GLU B 77 -15.86 4.28 4.52
N GLN B 78 -14.89 4.22 5.43
CA GLN B 78 -14.94 5.04 6.66
C GLN B 78 -15.01 6.51 6.31
N ILE B 79 -14.30 6.89 5.26
CA ILE B 79 -14.25 8.29 4.84
C ILE B 79 -15.62 8.72 4.33
N GLU B 80 -16.18 7.92 3.43
CA GLU B 80 -17.56 8.11 2.95
C GLU B 80 -18.52 8.30 4.11
N GLU B 81 -18.50 7.36 5.06
CA GLU B 81 -19.43 7.44 6.16
C GLU B 81 -19.27 8.78 6.85
N ALA B 82 -18.06 9.09 7.32
CA ALA B 82 -17.82 10.28 8.12
C ALA B 82 -18.18 11.59 7.39
N LEU B 83 -18.18 11.61 6.06
CA LEU B 83 -18.54 12.80 5.31
C LEU B 83 -20.00 12.81 4.83
N LYS B 84 -20.82 11.93 5.37
CA LYS B 84 -22.23 11.83 4.94
C LYS B 84 -23.06 13.08 5.32
N GLY B 85 -23.79 13.61 4.35
CA GLY B 85 -24.68 14.76 4.59
C GLY B 85 -23.95 16.10 4.70
N ALA B 86 -22.67 16.11 4.35
CA ALA B 86 -21.90 17.35 4.35
C ALA B 86 -22.29 18.16 3.13
N ASP B 87 -22.67 19.41 3.37
CA ASP B 87 -22.88 20.39 2.30
C ASP B 87 -21.54 20.92 1.86
N MET B 88 -20.68 21.21 2.83
CA MET B 88 -19.35 21.73 2.53
C MET B 88 -18.27 20.99 3.29
N VAL B 89 -17.17 20.73 2.59
CA VAL B 89 -16.01 20.11 3.21
C VAL B 89 -14.73 20.86 2.93
N PHE B 90 -14.02 21.17 4.00
CA PHE B 90 -12.68 21.73 3.89
C PHE B 90 -11.68 20.62 4.18
N VAL B 91 -10.75 20.41 3.26
CA VAL B 91 -9.69 19.46 3.47
C VAL B 91 -8.40 20.28 3.64
N THR B 92 -7.75 20.17 4.79
CA THR B 92 -6.56 20.99 5.06
C THR B 92 -5.37 20.08 5.40
N ALA B 93 -4.18 20.44 4.90
CA ALA B 93 -3.01 19.59 5.09
C ALA B 93 -1.78 20.38 4.74
N GLY B 94 -0.66 19.95 5.30
CA GLY B 94 0.63 20.46 4.90
C GLY B 94 1.13 19.52 3.85
N MET B 95 1.27 19.98 2.63
CA MET B 95 1.74 19.10 1.57
C MET B 95 3.24 18.89 1.66
N GLY B 96 3.70 17.71 1.27
CA GLY B 96 5.14 17.43 1.14
C GLY B 96 5.55 16.18 1.90
N GLY B 97 4.74 15.79 2.88
CA GLY B 97 4.94 14.53 3.59
C GLY B 97 4.23 13.36 2.94
N GLY B 98 3.86 12.39 3.76
CA GLY B 98 3.22 11.16 3.26
C GLY B 98 1.70 11.16 3.32
N THR B 99 1.14 11.32 4.51
CA THR B 99 -0.32 11.20 4.71
C THR B 99 -1.10 12.35 4.07
N GLY B 100 -0.65 13.57 4.33
CA GLY B 100 -1.27 14.74 3.74
C GLY B 100 -1.20 14.73 2.24
N THR B 101 0.01 14.66 1.68
CA THR B 101 0.20 14.64 0.25
C THR B 101 -0.66 13.59 -0.43
N GLY B 102 -0.65 12.38 0.14
CA GLY B 102 -1.25 11.21 -0.52
C GLY B 102 -2.74 11.01 -0.26
N ALA B 103 -3.16 11.20 0.99
CA ALA B 103 -4.54 10.93 1.40
C ALA B 103 -5.48 12.12 1.11
N ALA B 104 -4.91 13.32 1.12
CA ALA B 104 -5.73 14.50 1.10
C ALA B 104 -6.51 14.56 -0.22
N PRO B 105 -5.85 14.25 -1.34
CA PRO B 105 -6.59 14.21 -2.59
C PRO B 105 -7.63 13.08 -2.71
N VAL B 106 -7.42 11.95 -2.03
CA VAL B 106 -8.41 10.86 -2.05
C VAL B 106 -9.62 11.27 -1.21
N ILE B 107 -9.35 11.86 -0.04
CA ILE B 107 -10.40 12.36 0.83
C ILE B 107 -11.18 13.48 0.09
N ALA B 108 -10.48 14.35 -0.64
CA ALA B 108 -11.17 15.41 -1.36
C ALA B 108 -12.03 14.85 -2.51
N GLN B 109 -11.53 13.86 -3.23
CA GLN B 109 -12.27 13.29 -4.35
C GLN B 109 -13.57 12.65 -3.85
N ILE B 110 -13.53 12.05 -2.67
CA ILE B 110 -14.74 11.44 -2.12
C ILE B 110 -15.79 12.53 -1.75
N ALA B 111 -15.45 13.47 -0.87
CA ALA B 111 -16.32 14.63 -0.55
C ALA B 111 -17.01 15.25 -1.78
N LYS B 112 -16.25 15.41 -2.85
CA LYS B 112 -16.74 15.97 -4.12
C LYS B 112 -17.65 14.98 -4.86
N ASP B 113 -17.31 13.70 -4.82
CA ASP B 113 -18.17 12.66 -5.38
C ASP B 113 -19.50 12.55 -4.59
N LEU B 114 -19.49 12.88 -3.30
CA LEU B 114 -20.73 12.91 -2.49
C LEU B 114 -21.63 14.16 -2.70
N GLY B 115 -21.22 15.05 -3.61
CA GLY B 115 -21.95 16.29 -3.86
C GLY B 115 -21.59 17.46 -2.96
N ALA B 116 -20.62 17.29 -2.05
CA ALA B 116 -20.27 18.40 -1.17
C ALA B 116 -19.46 19.46 -1.93
N LEU B 117 -19.56 20.73 -1.49
CA LEU B 117 -18.65 21.79 -1.96
C LEU B 117 -17.32 21.58 -1.25
N THR B 118 -16.29 21.27 -2.04
CA THR B 118 -15.03 20.73 -1.52
C THR B 118 -13.91 21.73 -1.77
N VAL B 119 -13.34 22.23 -0.68
CA VAL B 119 -12.29 23.26 -0.71
C VAL B 119 -11.02 22.77 -0.03
N GLY B 120 -9.92 22.71 -0.76
CA GLY B 120 -8.62 22.36 -0.16
C GLY B 120 -7.92 23.64 0.29
N VAL B 121 -7.31 23.57 1.48
CA VAL B 121 -6.51 24.65 2.00
C VAL B 121 -5.18 24.04 2.49
N VAL B 122 -4.12 24.20 1.72
CA VAL B 122 -2.88 23.49 1.95
C VAL B 122 -1.66 24.36 1.82
N THR B 123 -0.58 23.95 2.46
CA THR B 123 0.71 24.64 2.32
C THR B 123 1.70 23.88 1.45
N ARG B 124 2.64 24.62 0.87
CA ARG B 124 3.91 24.05 0.34
C ARG B 124 4.96 24.16 1.40
N PRO B 125 5.92 23.22 1.42
CA PRO B 125 6.95 23.29 2.46
C PRO B 125 7.97 24.40 2.20
N PHE B 126 8.68 24.84 3.26
CA PHE B 126 9.75 25.84 3.09
C PHE B 126 10.79 25.27 2.16
N THR B 127 11.43 26.10 1.35
CA THR B 127 12.51 25.62 0.51
C THR B 127 13.57 24.84 1.33
N PHE B 128 13.84 25.29 2.54
CA PHE B 128 14.90 24.67 3.31
C PHE B 128 14.53 23.26 3.75
N GLU B 129 13.27 22.87 3.55
CA GLU B 129 12.85 21.52 3.90
C GLU B 129 13.38 20.52 2.90
N GLY B 130 13.89 20.97 1.76
CA GLY B 130 14.53 20.08 0.80
C GLY B 130 13.76 19.85 -0.48
N ARG B 131 14.50 19.51 -1.52
CA ARG B 131 13.99 19.23 -2.87
C ARG B 131 12.97 18.07 -2.84
N LYS B 132 13.19 17.08 -1.98
CA LYS B 132 12.30 15.93 -1.98
C LYS B 132 10.90 16.31 -1.47
N ARG B 133 10.81 17.06 -0.37
CA ARG B 133 9.52 17.53 0.08
C ARG B 133 8.87 18.49 -0.87
N GLN B 134 9.64 19.34 -1.56
CA GLN B 134 9.00 20.23 -2.58
C GLN B 134 8.35 19.42 -3.69
N LEU B 135 9.08 18.41 -4.20
CA LEU B 135 8.57 17.59 -5.30
C LEU B 135 7.34 16.82 -4.87
N GLN B 136 7.43 16.15 -3.73
CA GLN B 136 6.28 15.46 -3.19
C GLN B 136 5.07 16.41 -3.07
N ALA B 137 5.31 17.58 -2.49
CA ALA B 137 4.28 18.58 -2.37
C ALA B 137 3.74 18.94 -3.74
N ALA B 138 4.60 19.02 -4.75
CA ALA B 138 4.14 19.44 -6.08
C ALA B 138 3.13 18.46 -6.67
N GLY B 139 3.43 17.16 -6.52
CA GLY B 139 2.64 16.06 -7.04
C GLY B 139 1.29 15.97 -6.36
N GLY B 140 1.26 16.23 -5.06
CA GLY B 140 0.04 16.14 -4.29
C GLY B 140 -0.86 17.31 -4.59
N ILE B 141 -0.29 18.48 -4.81
CA ILE B 141 -1.07 19.64 -5.22
C ILE B 141 -1.74 19.44 -6.59
N SER B 142 -1.04 18.80 -7.54
CA SER B 142 -1.67 18.41 -8.80
C SER B 142 -2.81 17.49 -8.58
N ALA B 143 -2.62 16.50 -7.72
CA ALA B 143 -3.72 15.60 -7.41
C ALA B 143 -4.87 16.36 -6.75
N MET B 144 -4.56 17.23 -5.77
CA MET B 144 -5.59 17.96 -5.04
C MET B 144 -6.44 18.79 -5.97
N LYS B 145 -5.77 19.59 -6.81
CA LYS B 145 -6.47 20.46 -7.77
C LYS B 145 -7.59 19.72 -8.52
N GLU B 146 -7.34 18.48 -8.95
CA GLU B 146 -8.36 17.75 -9.66
C GLU B 146 -9.43 17.18 -8.75
N ALA B 147 -9.17 17.10 -7.45
CA ALA B 147 -10.11 16.50 -6.49
C ALA B 147 -10.96 17.50 -5.71
N VAL B 148 -10.80 18.79 -5.99
CA VAL B 148 -11.54 19.82 -5.26
C VAL B 148 -12.31 20.72 -6.21
N ASP B 149 -13.22 21.51 -5.65
CA ASP B 149 -13.83 22.62 -6.40
C ASP B 149 -12.92 23.83 -6.36
N THR B 150 -12.36 24.13 -5.19
CA THR B 150 -11.44 25.27 -5.04
C THR B 150 -10.22 24.86 -4.24
N LEU B 151 -9.03 25.10 -4.79
CA LEU B 151 -7.78 24.82 -4.09
C LEU B 151 -7.08 26.14 -3.74
N ILE B 152 -6.87 26.36 -2.44
CA ILE B 152 -6.04 27.45 -1.94
C ILE B 152 -4.71 26.84 -1.45
N VAL B 153 -3.59 27.30 -2.04
CA VAL B 153 -2.24 26.88 -1.71
C VAL B 153 -1.46 28.08 -1.15
N ILE B 154 -0.87 27.90 0.01
CA ILE B 154 -0.10 28.95 0.65
C ILE B 154 1.32 28.45 0.77
N PRO B 155 2.27 29.03 0.05
CA PRO B 155 3.65 28.56 0.24
C PRO B 155 4.20 29.02 1.57
N ASN B 156 4.79 28.12 2.36
CA ASN B 156 5.41 28.55 3.63
C ASN B 156 6.50 29.58 3.35
N ASP B 157 7.14 29.51 2.19
CA ASP B 157 8.11 30.54 1.85
C ASP B 157 7.53 31.97 1.90
N ARG B 158 6.27 32.16 1.49
CA ARG B 158 5.67 33.50 1.56
C ARG B 158 5.29 33.84 2.99
N ILE B 159 4.93 32.82 3.78
CA ILE B 159 4.59 33.06 5.18
C ILE B 159 5.81 33.60 5.90
N LEU B 160 6.98 33.24 5.39
CA LEU B 160 8.20 33.75 5.96
C LEU B 160 8.17 35.28 5.97
N GLU B 161 7.73 35.89 4.87
CA GLU B 161 7.69 37.33 4.69
C GLU B 161 6.59 38.04 5.45
N ILE B 162 5.84 37.33 6.29
CA ILE B 162 4.67 37.85 7.00
C ILE B 162 4.87 37.83 8.51
N VAL B 163 5.92 37.18 8.97
CA VAL B 163 6.13 36.97 10.39
C VAL B 163 7.20 37.92 10.93
N ASP B 164 7.16 38.14 12.24
CA ASP B 164 8.20 38.86 12.97
C ASP B 164 9.54 38.20 12.64
N LYS B 165 10.52 39.03 12.28
CA LYS B 165 11.90 38.59 12.01
C LYS B 165 12.54 37.78 13.16
N ASN B 166 12.01 37.90 14.38
CA ASN B 166 12.52 37.16 15.53
C ASN B 166 11.65 35.97 15.88
N THR B 167 10.75 35.56 14.98
CA THR B 167 9.96 34.34 15.19
C THR B 167 10.94 33.19 15.39
N PRO B 168 10.82 32.47 16.52
CA PRO B 168 11.66 31.30 16.72
C PRO B 168 11.34 30.11 15.79
N MET B 169 12.40 29.38 15.43
CA MET B 169 12.30 28.17 14.63
C MET B 169 11.40 27.15 15.34
N LEU B 170 11.38 27.13 16.66
CA LEU B 170 10.46 26.28 17.36
C LEU B 170 9.04 26.52 16.89
N GLU B 171 8.76 27.70 16.33
CA GLU B 171 7.41 28.05 15.94
C GLU B 171 7.23 28.29 14.44
N ALA B 172 8.10 27.70 13.63
CA ALA B 172 8.02 27.84 12.18
C ALA B 172 6.63 27.54 11.63
N PHE B 173 5.93 26.57 12.22
CA PHE B 173 4.65 26.14 11.66
C PHE B 173 3.42 26.68 12.37
N ARG B 174 3.62 27.46 13.43
CA ARG B 174 2.52 28.06 14.14
C ARG B 174 1.80 29.07 13.26
N GLU B 175 2.54 29.86 12.51
CA GLU B 175 1.88 30.79 11.61
C GLU B 175 1.29 30.05 10.42
N ALA B 176 1.87 28.93 10.01
CA ALA B 176 1.23 28.04 9.04
C ALA B 176 -0.15 27.57 9.52
N ASP B 177 -0.26 27.14 10.77
CA ASP B 177 -1.55 26.72 11.34
C ASP B 177 -2.56 27.86 11.23
N ASN B 178 -2.06 29.06 11.47
CA ASN B 178 -2.88 30.25 11.49
C ASN B 178 -3.41 30.64 10.13
N VAL B 179 -2.52 30.62 9.15
CA VAL B 179 -2.90 30.91 7.79
C VAL B 179 -3.97 29.92 7.31
N LEU B 180 -3.78 28.64 7.62
CA LEU B 180 -4.76 27.60 7.22
C LEU B 180 -6.10 27.81 7.92
N ARG B 181 -6.04 28.12 9.21
CA ARG B 181 -7.23 28.45 9.99
C ARG B 181 -8.01 29.56 9.29
N GLN B 182 -7.26 30.57 8.90
CA GLN B 182 -7.79 31.75 8.30
C GLN B 182 -8.38 31.44 6.91
N GLY B 183 -7.77 30.52 6.18
CA GLY B 183 -8.32 30.10 4.89
C GLY B 183 -9.69 29.46 5.04
N VAL B 184 -9.83 28.65 6.08
CA VAL B 184 -11.08 27.95 6.34
C VAL B 184 -12.08 28.91 6.94
N GLN B 185 -11.68 29.60 8.01
CA GLN B 185 -12.57 30.43 8.79
C GLN B 185 -13.07 31.64 8.02
N GLY B 186 -12.19 32.27 7.26
CA GLY B 186 -12.57 33.41 6.42
C GLY B 186 -13.80 33.12 5.57
N ILE B 187 -13.86 31.90 5.03
CA ILE B 187 -15.03 31.46 4.29
C ILE B 187 -16.15 31.01 5.26
N SER B 188 -15.84 30.11 6.19
CA SER B 188 -16.89 29.46 6.99
C SER B 188 -17.65 30.41 7.89
N ASP B 189 -16.95 31.38 8.48
CA ASP B 189 -17.61 32.38 9.35
C ASP B 189 -18.74 33.15 8.69
N LEU B 190 -18.61 33.46 7.40
CA LEU B 190 -19.64 34.23 6.70
C LEU B 190 -20.93 33.42 6.51
N ILE B 191 -20.79 32.10 6.54
CA ILE B 191 -21.93 31.18 6.42
C ILE B 191 -22.46 30.65 7.76
N ALA B 192 -21.59 30.54 8.78
CA ALA B 192 -21.93 29.79 10.00
C ALA B 192 -22.09 30.65 11.23
N THR B 193 -21.23 31.64 11.41
CA THR B 193 -21.33 32.55 12.57
C THR B 193 -22.28 33.69 12.22
N PRO B 194 -23.24 34.00 13.12
CA PRO B 194 -24.02 35.24 12.92
C PRO B 194 -23.12 36.50 12.99
N GLY B 195 -23.41 37.49 12.16
CA GLY B 195 -22.60 38.71 12.14
C GLY B 195 -23.34 39.85 11.49
N LEU B 196 -22.65 40.99 11.36
CA LEU B 196 -23.17 42.18 10.66
C LEU B 196 -23.72 41.82 9.30
N ILE B 197 -22.84 41.30 8.42
CA ILE B 197 -23.24 40.78 7.12
C ILE B 197 -22.82 39.32 6.97
N ASN B 198 -23.82 38.48 6.79
CA ASN B 198 -23.64 37.11 6.41
C ASN B 198 -23.94 36.95 4.92
N LEU B 199 -23.56 35.79 4.40
CA LEU B 199 -23.80 35.44 3.01
C LEU B 199 -24.57 34.15 3.05
N ASP B 200 -25.32 33.84 2.00
CA ASP B 200 -25.90 32.50 2.00
C ASP B 200 -25.03 31.51 1.20
N PHE B 201 -25.19 30.25 1.54
CA PHE B 201 -24.41 29.16 0.96
C PHE B 201 -24.38 29.17 -0.57
N ALA B 202 -25.52 29.43 -1.19
CA ALA B 202 -25.60 29.40 -2.64
C ALA B 202 -24.64 30.40 -3.28
N ASP B 203 -24.47 31.57 -2.66
CA ASP B 203 -23.57 32.60 -3.22
C ASP B 203 -22.10 32.16 -3.15
N VAL B 204 -21.72 31.58 -2.00
CA VAL B 204 -20.37 31.11 -1.81
C VAL B 204 -20.13 29.94 -2.77
N LYS B 205 -21.12 29.07 -2.92
CA LYS B 205 -21.00 27.96 -3.86
C LYS B 205 -20.72 28.43 -5.27
N THR B 206 -21.44 29.44 -5.74
CA THR B 206 -21.28 29.79 -7.15
C THR B 206 -19.86 30.30 -7.36
N ILE B 207 -19.29 31.06 -6.44
CA ILE B 207 -17.89 31.45 -6.65
C ILE B 207 -16.81 30.37 -6.33
N MET B 208 -17.11 29.39 -5.47
CA MET B 208 -16.14 28.32 -5.17
C MET B 208 -16.22 27.10 -6.12
N SER B 209 -17.09 27.15 -7.12
CA SER B 209 -17.14 26.07 -8.13
C SER B 209 -16.42 26.42 -9.45
N ASN B 210 -15.88 27.65 -9.54
CA ASN B 210 -14.90 28.04 -10.57
C ASN B 210 -13.58 27.24 -10.54
N SER B 213 -7.25 28.06 -10.35
CA SER B 213 -6.90 27.92 -8.91
C SER B 213 -7.32 29.21 -8.17
N ALA B 214 -7.39 29.16 -6.83
CA ALA B 214 -7.77 30.31 -6.03
C ALA B 214 -6.59 30.97 -5.29
N LEU B 215 -6.76 32.24 -4.97
CA LEU B 215 -5.74 33.01 -4.31
C LEU B 215 -6.28 33.46 -2.99
N MET B 216 -5.41 33.60 -2.01
CA MET B 216 -5.77 34.16 -0.73
C MET B 216 -4.81 35.28 -0.33
N GLY B 217 -5.39 36.36 0.21
CA GLY B 217 -4.63 37.45 0.81
C GLY B 217 -5.21 37.79 2.17
N ILE B 218 -4.35 38.10 3.12
CA ILE B 218 -4.78 38.44 4.49
C ILE B 218 -4.21 39.80 4.82
N GLY B 219 -4.98 40.64 5.48
CA GLY B 219 -4.48 41.94 5.92
C GLY B 219 -5.02 42.30 7.29
N ILE B 220 -4.12 42.84 8.12
CA ILE B 220 -4.40 43.14 9.53
C ILE B 220 -3.95 44.57 9.87
N ALA B 221 -4.75 45.28 10.64
CA ALA B 221 -4.38 46.63 11.06
C ALA B 221 -5.15 47.10 12.29
N THR B 222 -4.58 48.10 12.94
CA THR B 222 -5.15 48.86 14.06
C THR B 222 -4.90 50.33 13.72
N GLY B 223 -5.63 51.26 14.34
CA GLY B 223 -5.39 52.69 14.11
C GLY B 223 -6.63 53.33 13.55
N GLU B 224 -6.50 54.52 12.97
CA GLU B 224 -7.69 55.24 12.52
C GLU B 224 -8.21 54.60 11.24
N ASN B 225 -7.32 54.37 10.28
CA ASN B 225 -7.79 53.99 8.96
C ASN B 225 -7.66 52.47 8.80
N ARG B 226 -7.97 51.76 9.88
CA ARG B 226 -7.68 50.33 10.01
C ARG B 226 -8.44 49.44 9.03
N ALA B 227 -9.72 49.75 8.77
CA ALA B 227 -10.50 49.06 7.77
C ALA B 227 -9.83 49.16 6.41
N ALA B 228 -9.63 50.39 5.94
CA ALA B 228 -9.00 50.61 4.64
C ALA B 228 -7.58 50.06 4.60
N GLU B 229 -6.83 50.28 5.67
CA GLU B 229 -5.45 49.81 5.74
C GLU B 229 -5.37 48.26 5.76
N ALA B 230 -6.28 47.60 6.46
CA ALA B 230 -6.33 46.13 6.45
C ALA B 230 -6.62 45.60 5.04
N ALA B 231 -7.57 46.23 4.35
CA ALA B 231 -7.94 45.78 3.01
C ALA B 231 -6.78 45.98 2.04
N LYS B 232 -6.06 47.06 2.20
CA LYS B 232 -4.95 47.38 1.29
C LYS B 232 -3.76 46.40 1.47
N LYS B 233 -3.54 45.95 2.70
CA LYS B 233 -2.59 44.87 2.98
C LYS B 233 -3.07 43.53 2.40
N ALA B 234 -4.36 43.25 2.53
CA ALA B 234 -4.91 42.00 2.03
C ALA B 234 -4.67 41.88 0.54
N ILE B 235 -4.90 42.96 -0.19
CA ILE B 235 -4.80 42.89 -1.66
C ILE B 235 -3.36 43.01 -2.13
N SER B 236 -2.45 43.30 -1.22
CA SER B 236 -1.05 43.32 -1.56
C SER B 236 -0.28 42.28 -0.78
N SER B 237 -0.99 41.31 -0.17
CA SER B 237 -0.36 40.37 0.72
C SER B 237 0.66 39.50 -0.01
N PRO B 238 1.83 39.24 0.60
CA PRO B 238 2.76 38.23 0.13
C PRO B 238 2.16 36.85 -0.14
N LEU B 239 1.12 36.48 0.59
CA LEU B 239 0.46 35.17 0.35
C LEU B 239 -0.14 35.06 -1.03
N LEU B 240 -0.32 36.21 -1.70
CA LEU B 240 -0.95 36.27 -3.02
C LEU B 240 0.04 35.80 -4.11
N GLU B 241 -0.36 34.79 -4.86
CA GLU B 241 0.52 34.25 -5.90
C GLU B 241 0.45 35.15 -7.15
N ALA B 242 -0.62 35.93 -7.28
CA ALA B 242 -0.84 36.85 -8.42
C ALA B 242 -1.87 37.90 -7.99
N ALA B 243 -1.97 38.99 -8.76
CA ALA B 243 -2.96 40.05 -8.45
C ALA B 243 -4.39 39.55 -8.54
N ILE B 244 -5.23 40.10 -7.66
CA ILE B 244 -6.63 39.73 -7.53
C ILE B 244 -7.48 40.10 -8.78
N ASP B 245 -6.99 41.04 -9.61
CA ASP B 245 -7.71 41.42 -10.87
C ASP B 245 -7.82 40.28 -11.90
N GLY B 246 -7.01 39.25 -11.78
CA GLY B 246 -7.20 38.09 -12.61
C GLY B 246 -8.31 37.15 -12.17
N ALA B 247 -8.97 37.41 -11.04
CA ALA B 247 -10.06 36.54 -10.56
C ALA B 247 -11.40 36.80 -11.26
N GLN B 248 -12.23 35.76 -11.29
CA GLN B 248 -13.62 35.82 -11.73
C GLN B 248 -14.53 36.04 -10.53
N GLY B 249 -14.16 35.47 -9.39
CA GLY B 249 -14.89 35.70 -8.15
C GLY B 249 -13.93 36.14 -7.05
N VAL B 250 -14.43 37.02 -6.18
CA VAL B 250 -13.70 37.50 -5.02
C VAL B 250 -14.64 37.40 -3.80
N LEU B 251 -14.16 36.81 -2.70
CA LEU B 251 -14.90 36.79 -1.46
C LEU B 251 -14.11 37.62 -0.46
N MET B 252 -14.77 38.58 0.20
CA MET B 252 -14.13 39.39 1.21
C MET B 252 -14.80 39.17 2.53
N ASN B 253 -13.97 38.86 3.52
CA ASN B 253 -14.36 38.75 4.90
C ASN B 253 -13.60 39.85 5.67
N ILE B 254 -14.37 40.77 6.26
CA ILE B 254 -13.87 41.72 7.24
C ILE B 254 -14.42 41.38 8.64
N THR B 255 -13.50 41.17 9.58
CA THR B 255 -13.86 40.75 10.93
C THR B 255 -13.14 41.62 11.95
N GLY B 256 -13.88 42.09 12.94
CA GLY B 256 -13.30 42.91 14.00
C GLY B 256 -14.00 42.65 15.33
N GLY B 257 -13.93 43.66 16.22
CA GLY B 257 -14.69 43.69 17.48
C GLY B 257 -16.12 44.20 17.32
N THR B 258 -16.77 44.46 18.46
CA THR B 258 -18.16 44.94 18.45
C THR B 258 -18.25 46.41 18.00
N ASN B 259 -17.11 47.08 17.82
CA ASN B 259 -17.14 48.47 17.36
C ASN B 259 -17.24 48.63 15.82
N LEU B 260 -17.38 47.52 15.09
CA LEU B 260 -17.32 47.52 13.61
C LEU B 260 -18.70 47.81 12.95
N SER B 261 -18.76 48.87 12.15
CA SER B 261 -19.98 49.31 11.48
C SER B 261 -19.99 49.02 9.99
N LEU B 262 -21.17 49.06 9.40
CA LEU B 262 -21.32 48.99 7.95
C LEU B 262 -20.42 50.01 7.24
N TYR B 263 -20.30 51.17 7.87
CA TYR B 263 -19.50 52.26 7.35
C TYR B 263 -18.07 51.82 7.13
N GLU B 264 -17.46 51.19 8.14
CA GLU B 264 -16.12 50.61 7.98
C GLU B 264 -16.03 49.43 6.99
N VAL B 265 -16.99 48.53 7.02
CA VAL B 265 -17.02 47.43 6.10
C VAL B 265 -16.88 48.02 4.69
N GLN B 266 -17.65 49.07 4.42
CA GLN B 266 -17.67 49.65 3.09
C GLN B 266 -16.35 50.27 2.67
N GLU B 267 -15.61 50.90 3.58
CA GLU B 267 -14.26 51.38 3.28
C GLU B 267 -13.35 50.23 2.77
N ALA B 268 -13.45 49.09 3.44
CA ALA B 268 -12.71 47.86 3.07
C ALA B 268 -13.16 47.30 1.72
N ALA B 269 -14.47 47.22 1.53
CA ALA B 269 -15.09 46.71 0.31
C ALA B 269 -14.70 47.53 -0.92
N ASP B 270 -14.72 48.85 -0.80
CA ASP B 270 -14.29 49.71 -1.89
C ASP B 270 -12.86 49.38 -2.31
N ILE B 271 -11.97 49.21 -1.34
CA ILE B 271 -10.57 48.93 -1.67
C ILE B 271 -10.42 47.62 -2.39
N VAL B 272 -11.16 46.61 -1.98
CA VAL B 272 -11.14 45.31 -2.67
C VAL B 272 -11.76 45.42 -4.06
N ALA B 273 -12.83 46.20 -4.21
CA ALA B 273 -13.40 46.40 -5.56
C ALA B 273 -12.37 47.06 -6.46
N SER B 274 -11.59 47.99 -5.91
CA SER B 274 -10.59 48.72 -6.68
C SER B 274 -9.51 47.79 -7.28
N ALA B 275 -9.13 46.76 -6.53
CA ALA B 275 -8.16 45.76 -7.00
C ALA B 275 -8.78 44.68 -7.89
N SER B 276 -10.10 44.63 -7.98
CA SER B 276 -10.76 43.58 -8.75
C SER B 276 -11.05 44.03 -10.16
N ASP B 277 -11.30 43.06 -11.03
CA ASP B 277 -11.70 43.31 -12.39
C ASP B 277 -13.13 43.86 -12.38
N GLN B 278 -13.47 44.68 -13.39
CA GLN B 278 -14.80 45.29 -13.47
C GLN B 278 -15.91 44.23 -13.57
N ASP B 279 -15.64 43.08 -14.16
CA ASP B 279 -16.66 42.01 -14.24
C ASP B 279 -16.58 40.96 -13.16
N VAL B 280 -15.79 41.20 -12.12
CA VAL B 280 -15.68 40.23 -11.07
C VAL B 280 -17.05 40.01 -10.49
N ASN B 281 -17.25 38.82 -9.97
CA ASN B 281 -18.39 38.55 -9.12
C ASN B 281 -17.82 38.61 -7.72
N MET B 282 -18.10 39.72 -7.03
CA MET B 282 -17.55 40.00 -5.73
C MET B 282 -18.66 39.94 -4.72
N ILE B 283 -18.41 39.25 -3.61
CA ILE B 283 -19.35 39.16 -2.51
C ILE B 283 -18.61 39.35 -1.18
N PHE B 284 -19.32 39.83 -0.17
CA PHE B 284 -18.64 40.14 1.07
C PHE B 284 -19.52 40.02 2.29
N GLY B 285 -18.87 39.91 3.43
CA GLY B 285 -19.54 39.68 4.68
C GLY B 285 -18.63 40.11 5.79
N SER B 286 -19.21 40.27 6.97
CA SER B 286 -18.47 40.72 8.12
C SER B 286 -19.01 40.01 9.36
N VAL B 287 -18.10 39.61 10.25
CA VAL B 287 -18.49 39.00 11.49
C VAL B 287 -17.73 39.67 12.65
N ILE B 288 -18.30 39.55 13.85
CA ILE B 288 -17.77 40.23 15.02
C ILE B 288 -17.08 39.17 15.85
N ASN B 289 -16.11 39.61 16.65
CA ASN B 289 -15.17 38.71 17.30
C ASN B 289 -14.37 39.45 18.41
N GLU B 290 -14.71 39.15 19.67
CA GLU B 290 -14.19 39.91 20.83
C GLU B 290 -12.78 39.51 21.27
N ASN B 291 -12.23 38.45 20.69
CA ASN B 291 -10.80 38.15 20.88
C ASN B 291 -9.98 39.32 20.31
N LEU B 292 -10.46 39.84 19.18
CA LEU B 292 -9.93 41.05 18.60
C LEU B 292 -10.46 42.25 19.38
N LYS B 293 -9.77 43.38 19.26
CA LYS B 293 -9.97 44.52 20.12
C LYS B 293 -9.83 45.82 19.36
N ASP B 294 -8.59 46.30 19.16
CA ASP B 294 -8.32 47.48 18.33
C ASP B 294 -8.08 47.08 16.85
N GLU B 295 -8.25 45.80 16.54
CA GLU B 295 -7.68 45.21 15.33
C GLU B 295 -8.75 44.67 14.40
N ILE B 296 -8.59 44.87 13.10
CA ILE B 296 -9.46 44.19 12.14
C ILE B 296 -8.67 43.31 11.18
N VAL B 297 -9.28 42.19 10.78
CA VAL B 297 -8.70 41.26 9.79
C VAL B 297 -9.57 41.26 8.53
N VAL B 298 -8.94 41.49 7.39
CA VAL B 298 -9.59 41.35 6.09
C VAL B 298 -8.97 40.18 5.35
N THR B 299 -9.82 39.22 4.99
CA THR B 299 -9.42 38.09 4.17
C THR B 299 -10.03 38.20 2.78
N VAL B 300 -9.19 38.05 1.77
CA VAL B 300 -9.65 38.02 0.39
C VAL B 300 -9.36 36.63 -0.18
N ILE B 301 -10.38 36.05 -0.82
CA ILE B 301 -10.26 34.82 -1.57
C ILE B 301 -10.70 35.12 -2.99
N ALA B 302 -9.76 35.02 -3.93
CA ALA B 302 -10.03 35.31 -5.33
C ALA B 302 -10.05 33.98 -6.05
N THR B 303 -11.18 33.64 -6.67
CA THR B 303 -11.31 32.37 -7.41
C THR B 303 -11.42 32.60 -8.91
N GLY B 304 -11.22 31.52 -9.67
CA GLY B 304 -11.45 31.50 -11.12
C GLY B 304 -10.33 32.04 -11.99
N PHE B 305 -9.10 31.87 -11.55
CA PHE B 305 -7.97 32.12 -12.45
C PHE B 305 -7.91 31.08 -13.56
#